data_1GQP
#
_entry.id   1GQP
#
_cell.length_a   91.065
_cell.length_b   91.065
_cell.length_c   114.171
_cell.angle_alpha   90.00
_cell.angle_beta   90.00
_cell.angle_gamma   120.00
#
_symmetry.space_group_name_H-M   'P 65'
#
loop_
_entity.id
_entity.type
_entity.pdbx_description
1 polymer DOC1/APC10
2 non-polymer 'BROMIDE ION'
3 water water
#
_entity_poly.entity_id   1
_entity_poly.type   'polypeptide(L)'
_entity_poly.pdbx_seq_one_letter_code
;SVLVLDDRIVDAATKDLYVNGFQEEIQYQNPTPENLQHMFHQGIEILDSARMINVTHLALWKPSSFKLGNPVDFALDDNY
DTFWQSDGGQPHQLDIMFSKRMDICVMAIFFSMIADESYAPSLVKVYAGHSPSDARFYKMLEVRNVNGWVALRFLDNRED
DQLLKCQFIRLLFPVNHENGKDTHLRGIRLYVPSNEPHQDTHEWAQTLPETNNVFQDAILR
;
_entity_poly.pdbx_strand_id   A,B
#
loop_
_chem_comp.id
_chem_comp.type
_chem_comp.name
_chem_comp.formula
BR non-polymer 'BROMIDE ION' 'Br -1'
#
# COMPACT_ATOMS: atom_id res chain seq x y z
N SER A 1 21.87 6.16 6.78
CA SER A 1 21.66 7.62 6.50
C SER A 1 21.50 7.86 5.00
N VAL A 2 21.40 6.77 4.25
CA VAL A 2 21.23 6.88 2.82
C VAL A 2 19.98 6.10 2.39
N LEU A 3 19.00 6.82 1.87
CA LEU A 3 17.76 6.21 1.42
C LEU A 3 17.73 6.14 -0.09
N VAL A 4 17.84 4.95 -0.64
CA VAL A 4 17.80 4.80 -2.08
C VAL A 4 16.34 4.63 -2.49
N LEU A 5 15.82 5.61 -3.20
CA LEU A 5 14.42 5.58 -3.63
C LEU A 5 14.28 4.94 -4.99
N ASP A 6 13.64 3.77 -5.02
CA ASP A 6 13.42 3.05 -6.25
C ASP A 6 12.09 2.28 -6.11
N ASP A 7 11.04 2.83 -6.71
CA ASP A 7 9.74 2.23 -6.58
C ASP A 7 9.51 0.99 -7.46
N ARG A 8 10.59 0.45 -8.03
CA ARG A 8 10.51 -0.77 -8.85
C ARG A 8 10.81 -2.02 -8.02
N ILE A 9 11.40 -1.81 -6.84
CA ILE A 9 11.77 -2.91 -5.96
C ILE A 9 10.68 -3.16 -4.93
N VAL A 10 9.82 -4.11 -5.24
CA VAL A 10 8.72 -4.45 -4.34
C VAL A 10 9.30 -4.96 -3.02
N ASP A 11 8.75 -4.48 -1.92
CA ASP A 11 9.23 -4.88 -0.59
C ASP A 11 8.20 -4.46 0.44
N ALA A 12 7.68 -5.42 1.19
CA ALA A 12 6.68 -5.16 2.21
C ALA A 12 7.19 -4.11 3.18
N ALA A 13 8.50 -4.12 3.40
CA ALA A 13 9.16 -3.18 4.32
C ALA A 13 9.08 -1.73 3.86
N THR A 14 8.95 -1.49 2.57
CA THR A 14 8.91 -0.12 2.08
C THR A 14 7.57 0.28 1.49
N LYS A 15 6.53 -0.51 1.73
CA LYS A 15 5.25 -0.18 1.14
C LYS A 15 4.72 1.20 1.57
N ASP A 16 4.94 1.60 2.83
CA ASP A 16 4.44 2.89 3.25
C ASP A 16 5.36 4.05 2.84
N LEU A 17 6.52 3.74 2.27
CA LEU A 17 7.43 4.77 1.80
C LEU A 17 6.88 5.24 0.46
N TYR A 18 6.49 4.28 -0.38
CA TYR A 18 5.95 4.56 -1.68
C TYR A 18 4.43 4.63 -1.63
N VAL A 19 3.94 5.85 -1.41
CA VAL A 19 2.53 6.14 -1.28
C VAL A 19 1.69 5.68 -2.46
N ASN A 20 2.24 5.77 -3.65
CA ASN A 20 1.52 5.35 -4.83
C ASN A 20 1.79 3.91 -5.27
N GLY A 21 2.44 3.14 -4.42
CA GLY A 21 2.72 1.76 -4.75
C GLY A 21 3.97 1.53 -5.56
N PHE A 22 4.24 0.27 -5.84
CA PHE A 22 5.41 -0.08 -6.62
C PHE A 22 5.13 -0.02 -8.10
N GLN A 23 6.16 0.23 -8.89
CA GLN A 23 6.01 0.30 -10.34
C GLN A 23 5.88 -1.10 -10.91
N ASN A 30 6.04 4.20 -20.13
CA ASN A 30 5.92 5.37 -19.26
C ASN A 30 4.46 5.72 -18.97
N PRO A 31 4.13 5.94 -17.69
CA PRO A 31 2.75 6.30 -17.38
C PRO A 31 2.48 7.61 -18.11
N THR A 32 1.24 7.82 -18.52
CA THR A 32 0.89 9.05 -19.24
C THR A 32 0.76 10.20 -18.25
N PRO A 33 0.62 11.43 -18.77
CA PRO A 33 0.50 12.60 -17.90
C PRO A 33 -0.78 12.51 -17.05
N GLU A 34 -1.80 11.85 -17.62
CA GLU A 34 -3.07 11.68 -16.93
C GLU A 34 -2.89 10.77 -15.73
N ASN A 35 -2.12 9.70 -15.92
CA ASN A 35 -1.85 8.75 -14.85
C ASN A 35 -1.07 9.47 -13.74
N LEU A 36 0.01 10.12 -14.13
CA LEU A 36 0.87 10.86 -13.20
C LEU A 36 0.03 11.83 -12.39
N GLN A 37 -0.85 12.53 -13.09
CA GLN A 37 -1.77 13.48 -12.49
C GLN A 37 -2.60 12.77 -11.39
N HIS A 38 -3.17 11.61 -11.75
CA HIS A 38 -4.00 10.81 -10.85
C HIS A 38 -3.21 10.36 -9.65
N MET A 39 -2.00 9.86 -9.88
CA MET A 39 -1.15 9.44 -8.77
C MET A 39 -0.93 10.61 -7.79
N PHE A 40 -0.69 11.79 -8.34
CA PHE A 40 -0.47 13.00 -7.53
C PHE A 40 -1.67 13.30 -6.65
N HIS A 41 -2.85 13.42 -7.25
CA HIS A 41 -4.00 13.75 -6.44
C HIS A 41 -4.39 12.57 -5.53
N GLN A 42 -4.20 11.34 -6.00
CA GLN A 42 -4.52 10.18 -5.15
C GLN A 42 -3.60 10.11 -3.90
N GLY A 43 -2.32 10.43 -4.10
CA GLY A 43 -1.37 10.43 -2.98
C GLY A 43 -1.75 11.47 -1.95
N ILE A 44 -2.30 12.59 -2.42
CA ILE A 44 -2.73 13.63 -1.49
C ILE A 44 -3.93 13.13 -0.67
N GLU A 45 -4.88 12.48 -1.33
CA GLU A 45 -6.06 11.95 -0.61
C GLU A 45 -5.59 10.91 0.39
N ILE A 46 -4.71 10.00 -0.04
CA ILE A 46 -4.20 8.97 0.87
C ILE A 46 -3.54 9.58 2.10
N LEU A 47 -2.69 10.58 1.89
CA LEU A 47 -1.98 11.23 3.00
C LEU A 47 -2.88 12.03 3.93
N ASP A 48 -3.80 12.79 3.34
CA ASP A 48 -4.68 13.61 4.15
C ASP A 48 -5.69 12.78 4.91
N SER A 49 -6.07 11.63 4.37
CA SER A 49 -7.05 10.78 5.05
C SER A 49 -6.40 10.00 6.20
N ALA A 50 -5.14 10.31 6.46
CA ALA A 50 -4.42 9.63 7.54
C ALA A 50 -4.56 10.32 8.90
N ARG A 51 -4.07 9.64 9.92
CA ARG A 51 -4.10 10.12 11.30
C ARG A 51 -3.00 11.17 11.52
N MET A 52 -2.95 12.19 10.67
CA MET A 52 -1.92 13.21 10.77
C MET A 52 -2.43 14.61 10.54
N ILE A 53 -1.72 15.59 11.07
CA ILE A 53 -2.11 16.97 10.88
C ILE A 53 -1.14 17.64 9.90
N ASN A 54 -1.71 18.16 8.81
CA ASN A 54 -0.93 18.84 7.78
C ASN A 54 -0.50 20.23 8.24
N VAL A 55 0.77 20.37 8.62
CA VAL A 55 1.28 21.66 9.07
C VAL A 55 2.12 22.36 7.99
N THR A 56 1.96 21.93 6.74
CA THR A 56 2.73 22.52 5.65
C THR A 56 2.67 24.04 5.59
N HIS A 57 1.45 24.59 5.59
CA HIS A 57 1.27 26.02 5.48
C HIS A 57 1.51 26.87 6.72
N LEU A 58 2.03 26.23 7.76
CA LEU A 58 2.34 26.95 8.99
C LEU A 58 3.79 27.46 8.95
N ALA A 59 4.62 26.84 8.11
CA ALA A 59 6.02 27.22 8.03
C ALA A 59 6.28 28.29 7.00
N LEU A 60 7.43 28.94 7.15
CA LEU A 60 7.83 29.96 6.20
C LEU A 60 8.76 29.22 5.23
N TRP A 61 8.48 29.29 3.93
CA TRP A 61 9.29 28.60 2.92
C TRP A 61 10.17 29.57 2.13
N LYS A 62 11.47 29.33 2.13
CA LYS A 62 12.39 30.21 1.41
C LYS A 62 13.35 29.45 0.50
N PRO A 63 13.18 29.58 -0.82
CA PRO A 63 14.02 28.92 -1.81
C PRO A 63 15.28 29.77 -2.09
N SER A 64 16.40 29.13 -2.46
CA SER A 64 17.63 29.88 -2.77
C SER A 64 17.38 30.77 -3.99
N SER A 65 16.52 30.31 -4.90
CA SER A 65 16.15 31.07 -6.10
C SER A 65 14.84 30.49 -6.66
N PHE A 66 14.31 31.15 -7.68
CA PHE A 66 13.12 30.67 -8.36
C PHE A 66 12.91 31.50 -9.59
N LYS A 67 12.35 30.88 -10.61
CA LYS A 67 12.06 31.58 -11.85
C LYS A 67 10.72 32.29 -11.63
N LEU A 68 10.60 33.50 -12.16
CA LEU A 68 9.36 34.26 -12.02
C LEU A 68 8.25 33.48 -12.65
N GLY A 69 7.15 33.35 -11.92
CA GLY A 69 6.04 32.58 -12.47
C GLY A 69 6.05 31.15 -11.95
N ASN A 70 7.15 30.72 -11.32
CA ASN A 70 7.26 29.34 -10.74
C ASN A 70 7.80 29.47 -9.34
N PRO A 71 7.03 30.12 -8.45
CA PRO A 71 7.42 30.34 -7.06
C PRO A 71 7.34 29.09 -6.20
N VAL A 72 7.87 29.22 -4.99
CA VAL A 72 7.92 28.14 -4.04
C VAL A 72 6.49 27.68 -3.74
N ASP A 73 5.55 28.63 -3.78
CA ASP A 73 4.15 28.31 -3.53
C ASP A 73 3.61 27.22 -4.44
N PHE A 74 4.18 27.08 -5.63
CA PHE A 74 3.73 26.04 -6.55
C PHE A 74 4.07 24.61 -6.07
N ALA A 75 4.93 24.48 -5.06
CA ALA A 75 5.29 23.16 -4.50
C ALA A 75 4.42 22.86 -3.29
N LEU A 76 3.56 23.81 -2.94
CA LEU A 76 2.70 23.63 -1.77
C LEU A 76 1.22 23.83 -2.08
N ASP A 77 0.87 23.91 -3.38
CA ASP A 77 -0.50 24.18 -3.79
C ASP A 77 -1.40 22.98 -4.07
N ASP A 78 -0.93 21.76 -3.88
CA ASP A 78 -1.79 20.59 -4.15
C ASP A 78 -2.25 20.54 -5.61
N ASN A 79 -1.38 20.99 -6.51
CA ASN A 79 -1.69 21.01 -7.92
C ASN A 79 -0.53 20.32 -8.63
N TYR A 80 -0.83 19.29 -9.43
CA TYR A 80 0.19 18.53 -10.12
C TYR A 80 0.88 19.29 -11.28
N ASP A 81 0.10 20.12 -11.98
CA ASP A 81 0.62 20.87 -13.12
C ASP A 81 1.50 22.05 -12.75
N THR A 82 1.55 22.40 -11.47
CA THR A 82 2.36 23.54 -11.08
C THR A 82 3.59 23.13 -10.28
N PHE A 83 4.66 23.89 -10.43
CA PHE A 83 5.87 23.58 -9.71
C PHE A 83 6.78 24.74 -9.37
N TRP A 84 7.48 24.60 -8.24
CA TRP A 84 8.48 25.58 -7.93
C TRP A 84 9.59 25.18 -8.90
N GLN A 85 10.25 26.17 -9.50
CA GLN A 85 11.38 25.91 -10.39
C GLN A 85 12.53 26.82 -9.95
N SER A 86 13.68 26.23 -9.64
CA SER A 86 14.82 27.06 -9.22
C SER A 86 15.36 27.89 -10.40
N ASP A 87 16.28 28.81 -10.13
CA ASP A 87 16.88 29.63 -11.20
C ASP A 87 18.25 30.11 -10.74
N GLY A 88 19.23 29.23 -10.68
CA GLY A 88 20.55 29.64 -10.23
C GLY A 88 21.53 28.50 -10.33
N GLY A 89 22.75 28.69 -9.83
CA GLY A 89 23.75 27.63 -9.88
C GLY A 89 23.41 26.57 -8.84
N GLN A 90 24.01 25.40 -8.95
CA GLN A 90 23.77 24.35 -7.98
C GLN A 90 24.76 24.56 -6.82
N PRO A 91 24.44 24.09 -5.61
CA PRO A 91 23.22 23.36 -5.26
C PRO A 91 22.04 24.29 -5.06
N HIS A 92 20.81 23.82 -5.30
CA HIS A 92 19.65 24.68 -5.07
C HIS A 92 19.30 24.41 -3.62
N GLN A 93 18.56 25.32 -3.01
CA GLN A 93 18.25 25.16 -1.60
C GLN A 93 16.82 25.56 -1.26
N LEU A 94 16.27 24.86 -0.29
CA LEU A 94 14.92 25.15 0.17
C LEU A 94 14.97 25.16 1.70
N ASP A 95 14.67 26.30 2.31
CA ASP A 95 14.67 26.44 3.76
C ASP A 95 13.23 26.51 4.29
N ILE A 96 12.97 25.73 5.33
CA ILE A 96 11.65 25.64 5.93
C ILE A 96 11.77 26.01 7.42
N MET A 97 11.04 27.03 7.85
CA MET A 97 11.12 27.49 9.25
C MET A 97 9.77 27.66 9.90
N PHE A 98 9.58 26.97 11.02
CA PHE A 98 8.33 27.09 11.75
C PHE A 98 8.51 28.10 12.87
N SER A 99 7.39 28.64 13.36
CA SER A 99 7.42 29.63 14.45
C SER A 99 7.82 28.93 15.74
N LYS A 100 7.77 27.60 15.75
CA LYS A 100 8.15 26.85 16.93
C LYS A 100 8.55 25.40 16.60
N ARG A 101 9.09 24.71 17.59
CA ARG A 101 9.55 23.33 17.46
C ARG A 101 8.37 22.40 17.14
N MET A 102 8.40 21.80 15.96
CA MET A 102 7.36 20.89 15.49
C MET A 102 7.75 19.43 15.60
N ASP A 103 6.76 18.56 15.59
CA ASP A 103 7.01 17.13 15.67
C ASP A 103 6.59 16.52 14.33
N ILE A 104 7.48 16.65 13.35
CA ILE A 104 7.26 16.17 12.02
C ILE A 104 7.35 14.66 12.01
N CYS A 105 6.23 14.00 11.74
CA CYS A 105 6.22 12.55 11.71
C CYS A 105 6.36 12.09 10.27
N VAL A 106 5.97 12.95 9.34
CA VAL A 106 6.08 12.63 7.92
C VAL A 106 6.37 13.82 7.01
N MET A 107 7.32 13.64 6.10
CA MET A 107 7.61 14.66 5.10
C MET A 107 7.37 13.95 3.78
N ALA A 108 6.35 14.40 3.07
CA ALA A 108 6.00 13.78 1.82
C ALA A 108 6.49 14.63 0.65
N ILE A 109 7.12 13.98 -0.31
CA ILE A 109 7.64 14.69 -1.46
C ILE A 109 7.25 13.97 -2.73
N PHE A 110 6.77 14.73 -3.72
CA PHE A 110 6.39 14.16 -5.01
C PHE A 110 7.56 14.21 -5.99
N PHE A 111 7.99 13.05 -6.45
CA PHE A 111 9.07 12.94 -7.40
C PHE A 111 8.58 12.25 -8.65
N SER A 112 8.96 12.76 -9.80
CA SER A 112 8.56 12.10 -11.03
C SER A 112 9.58 12.34 -12.10
N MET A 113 10.47 11.37 -12.26
CA MET A 113 11.46 11.47 -13.28
C MET A 113 10.85 11.54 -14.69
N ILE A 114 9.68 10.92 -14.89
CA ILE A 114 9.01 10.95 -16.19
C ILE A 114 8.48 12.36 -16.49
N ALA A 115 7.76 12.94 -15.56
CA ALA A 115 7.21 14.26 -15.77
C ALA A 115 8.23 15.38 -15.73
N ASP A 116 9.16 15.31 -14.77
CA ASP A 116 10.15 16.38 -14.65
C ASP A 116 11.44 16.25 -15.46
N GLU A 117 11.75 15.04 -15.93
CA GLU A 117 12.98 14.78 -16.72
C GLU A 117 14.25 15.44 -16.15
N SER A 118 14.83 16.42 -16.83
CA SER A 118 16.05 17.04 -16.32
C SER A 118 15.85 17.92 -15.06
N TYR A 119 14.59 18.26 -14.74
CA TYR A 119 14.33 19.05 -13.54
C TYR A 119 14.16 18.15 -12.29
N ALA A 120 14.18 16.84 -12.48
CA ALA A 120 14.04 15.89 -11.38
C ALA A 120 15.38 15.70 -10.67
N PRO A 121 15.40 15.93 -9.35
CA PRO A 121 16.61 15.79 -8.54
C PRO A 121 17.08 14.34 -8.55
N SER A 122 18.39 14.11 -8.54
CA SER A 122 18.85 12.73 -8.46
C SER A 122 19.37 12.49 -7.02
N LEU A 123 19.71 13.56 -6.31
CA LEU A 123 20.11 13.46 -4.91
C LEU A 123 19.51 14.67 -4.18
N VAL A 124 19.04 14.44 -2.96
CA VAL A 124 18.49 15.50 -2.12
C VAL A 124 19.12 15.26 -0.76
N LYS A 125 19.62 16.33 -0.12
CA LYS A 125 20.23 16.21 1.19
C LYS A 125 19.30 16.94 2.16
N VAL A 126 18.91 16.24 3.23
CA VAL A 126 17.99 16.78 4.23
C VAL A 126 18.69 17.07 5.57
N TYR A 127 18.55 18.32 6.02
CA TYR A 127 19.14 18.83 7.27
C TYR A 127 17.98 19.30 8.12
N ALA A 128 18.14 19.25 9.44
CA ALA A 128 17.10 19.74 10.35
C ALA A 128 17.71 20.16 11.68
N GLY A 129 17.04 21.08 12.36
CA GLY A 129 17.50 21.56 13.64
C GLY A 129 16.65 22.73 14.14
N HIS A 130 17.29 23.59 14.93
CA HIS A 130 16.61 24.76 15.48
C HIS A 130 16.67 25.90 14.47
N SER A 131 17.80 26.04 13.80
CA SER A 131 17.96 27.11 12.81
C SER A 131 19.11 26.75 11.87
N PRO A 132 19.36 27.58 10.86
CA PRO A 132 20.45 27.33 9.89
C PRO A 132 21.81 27.16 10.58
N SER A 133 21.98 27.80 11.74
CA SER A 133 23.23 27.77 12.49
C SER A 133 23.54 26.46 13.22
N ASP A 134 22.50 25.74 13.63
CA ASP A 134 22.74 24.50 14.34
C ASP A 134 22.27 23.27 13.54
N ALA A 135 21.61 23.50 12.41
CA ALA A 135 21.11 22.42 11.57
C ALA A 135 22.11 21.28 11.41
N ARG A 136 21.58 20.07 11.42
CA ARG A 136 22.40 18.88 11.29
C ARG A 136 21.92 18.01 10.13
N PHE A 137 22.85 17.31 9.49
CA PHE A 137 22.54 16.42 8.38
C PHE A 137 21.69 15.25 8.86
N TYR A 138 20.59 14.96 8.16
CA TYR A 138 19.76 13.86 8.57
C TYR A 138 19.70 12.73 7.57
N LYS A 139 19.57 13.06 6.30
CA LYS A 139 19.48 11.99 5.33
C LYS A 139 19.81 12.37 3.91
N MET A 140 20.32 11.39 3.18
CA MET A 140 20.64 11.57 1.78
C MET A 140 19.62 10.75 1.01
N LEU A 141 18.90 11.40 0.12
CA LEU A 141 17.91 10.72 -0.69
C LEU A 141 18.48 10.51 -2.07
N GLU A 142 18.54 9.26 -2.47
CA GLU A 142 19.01 8.96 -3.78
C GLU A 142 17.75 8.63 -4.61
N VAL A 143 17.33 9.57 -5.46
CA VAL A 143 16.13 9.36 -6.30
C VAL A 143 16.53 8.57 -7.56
N ARG A 144 16.56 7.25 -7.48
CA ARG A 144 16.96 6.45 -8.64
C ARG A 144 15.85 6.24 -9.62
N ASN A 145 14.66 5.90 -9.12
CA ASN A 145 13.54 5.69 -10.01
C ASN A 145 12.27 5.90 -9.22
N VAL A 146 11.64 7.05 -9.42
CA VAL A 146 10.43 7.35 -8.68
C VAL A 146 9.42 8.10 -9.53
N ASN A 147 8.17 7.69 -9.41
CA ASN A 147 7.07 8.38 -10.06
C ASN A 147 5.94 8.25 -9.09
N GLY A 148 5.83 9.24 -8.21
CA GLY A 148 4.82 9.25 -7.18
C GLY A 148 5.31 9.95 -5.91
N TRP A 149 4.46 9.88 -4.89
CA TRP A 149 4.73 10.46 -3.59
C TRP A 149 5.59 9.55 -2.71
N VAL A 150 6.54 10.17 -2.01
CA VAL A 150 7.40 9.46 -1.09
C VAL A 150 7.12 10.05 0.28
N ALA A 151 6.86 9.17 1.24
CA ALA A 151 6.55 9.57 2.61
C ALA A 151 7.72 9.18 3.51
N LEU A 152 8.48 10.18 3.92
CA LEU A 152 9.65 9.96 4.75
C LEU A 152 9.29 10.04 6.22
N ARG A 153 9.63 8.99 6.97
CA ARG A 153 9.34 8.90 8.40
C ARG A 153 10.58 9.26 9.22
N PHE A 154 11.64 9.69 8.53
CA PHE A 154 12.90 10.08 9.15
C PHE A 154 13.65 8.87 9.67
N LEU A 163 9.28 10.08 14.65
CA LEU A 163 9.17 11.43 14.09
C LEU A 163 10.44 12.24 14.37
N LEU A 164 10.45 13.48 13.93
CA LEU A 164 11.61 14.36 14.12
C LEU A 164 11.24 15.76 14.63
N LYS A 165 11.60 16.04 15.87
CA LYS A 165 11.32 17.32 16.53
C LYS A 165 12.34 18.39 16.18
N CYS A 166 11.93 19.34 15.34
CA CYS A 166 12.80 20.40 14.91
C CYS A 166 11.98 21.61 14.58
N GLN A 167 12.64 22.74 14.39
CA GLN A 167 11.94 23.96 14.04
C GLN A 167 12.37 24.42 12.66
N PHE A 168 13.51 23.90 12.23
CA PHE A 168 14.10 24.26 10.97
C PHE A 168 14.48 23.06 10.11
N ILE A 169 14.10 23.12 8.84
CA ILE A 169 14.43 22.05 7.91
C ILE A 169 15.05 22.68 6.65
N ARG A 170 16.07 22.02 6.12
CA ARG A 170 16.74 22.47 4.90
C ARG A 170 16.95 21.32 3.94
N LEU A 171 16.60 21.56 2.68
CA LEU A 171 16.81 20.58 1.63
C LEU A 171 17.78 21.18 0.61
N LEU A 172 18.79 20.41 0.23
CA LEU A 172 19.77 20.86 -0.78
C LEU A 172 19.69 19.93 -1.97
N PHE A 173 19.72 20.54 -3.15
CA PHE A 173 19.63 19.82 -4.41
C PHE A 173 20.95 20.01 -5.18
N PRO A 174 21.90 19.07 -5.04
CA PRO A 174 23.19 19.20 -5.71
C PRO A 174 23.27 18.75 -7.16
N VAL A 175 22.38 17.86 -7.59
CA VAL A 175 22.44 17.35 -8.94
C VAL A 175 21.10 16.78 -9.38
N ASN A 176 20.83 16.89 -10.68
CA ASN A 176 19.56 16.42 -11.25
C ASN A 176 19.82 15.35 -12.29
N HIS A 177 18.77 14.65 -12.68
CA HIS A 177 18.88 13.62 -13.72
C HIS A 177 19.09 14.32 -15.07
N GLU A 178 19.67 13.58 -16.02
CA GLU A 178 19.83 14.07 -17.39
C GLU A 178 20.42 15.48 -17.60
N ASN A 179 21.57 15.77 -17.00
CA ASN A 179 22.24 17.05 -17.20
C ASN A 179 21.41 18.30 -16.87
N GLY A 180 20.42 18.16 -15.98
CA GLY A 180 19.58 19.28 -15.61
C GLY A 180 20.21 20.29 -14.65
N LYS A 181 20.14 21.57 -15.01
CA LYS A 181 20.69 22.63 -14.17
C LYS A 181 19.71 22.97 -13.04
N ASP A 182 18.50 23.36 -13.40
CA ASP A 182 17.52 23.72 -12.38
C ASP A 182 16.58 22.57 -12.01
N THR A 183 15.92 22.71 -10.87
CA THR A 183 15.07 21.69 -10.27
C THR A 183 13.59 22.04 -10.15
N HIS A 184 12.73 21.01 -10.20
CA HIS A 184 11.26 21.16 -10.06
C HIS A 184 10.80 20.45 -8.80
N LEU A 185 9.77 21.01 -8.17
CA LEU A 185 9.12 20.39 -7.02
C LEU A 185 7.65 20.70 -7.26
N ARG A 186 6.86 19.69 -7.59
CA ARG A 186 5.42 19.90 -7.82
C ARG A 186 4.66 19.79 -6.50
N GLY A 187 5.21 19.07 -5.52
CA GLY A 187 4.53 18.94 -4.24
C GLY A 187 5.37 18.42 -3.07
N ILE A 188 5.14 19.00 -1.91
CA ILE A 188 5.80 18.59 -0.70
C ILE A 188 4.89 18.99 0.47
N ARG A 189 4.83 18.13 1.49
CA ARG A 189 3.99 18.42 2.65
C ARG A 189 4.56 17.88 3.92
N LEU A 190 4.30 18.59 5.00
CA LEU A 190 4.82 18.21 6.30
C LEU A 190 3.65 17.83 7.22
N TYR A 191 3.86 16.83 8.08
CA TYR A 191 2.81 16.40 8.99
C TYR A 191 3.31 16.17 10.42
N VAL A 192 2.44 16.42 11.38
CA VAL A 192 2.75 16.16 12.78
C VAL A 192 1.68 15.16 13.25
N PRO A 193 1.98 14.35 14.28
CA PRO A 193 1.04 13.36 14.80
C PRO A 193 -0.27 14.02 15.25
N SER A 194 -1.37 13.29 15.10
CA SER A 194 -2.68 13.82 15.50
C SER A 194 -2.81 13.90 17.02
N ASN A 195 -2.44 12.92 17.70
N SER B 1 -10.01 -17.50 18.22
CA SER B 1 -11.01 -18.36 17.51
C SER B 1 -11.81 -17.50 16.51
N VAL B 2 -11.92 -16.22 16.79
CA VAL B 2 -12.65 -15.33 15.92
C VAL B 2 -11.82 -14.10 15.58
N LEU B 3 -11.79 -13.76 14.30
CA LEU B 3 -11.02 -12.61 13.86
C LEU B 3 -11.97 -11.58 13.26
N VAL B 4 -12.01 -10.40 13.86
CA VAL B 4 -12.86 -9.35 13.36
C VAL B 4 -12.06 -8.57 12.34
N LEU B 5 -12.61 -8.41 11.13
CA LEU B 5 -11.92 -7.71 10.06
C LEU B 5 -12.63 -6.40 9.70
N ASP B 6 -12.05 -5.31 10.16
CA ASP B 6 -12.57 -3.97 9.90
C ASP B 6 -11.38 -3.03 9.75
N ASP B 7 -10.93 -2.85 8.50
CA ASP B 7 -9.76 -2.03 8.22
C ASP B 7 -9.87 -0.54 8.53
N ARG B 8 -10.77 -0.16 9.42
CA ARG B 8 -10.92 1.24 9.76
C ARG B 8 -10.93 1.44 11.28
N THR B 14 -3.10 -7.22 13.97
CA THR B 14 -4.15 -6.74 13.07
C THR B 14 -3.56 -5.90 11.93
N LYS B 15 -2.44 -5.24 12.18
CA LYS B 15 -1.79 -4.41 11.17
C LYS B 15 -1.26 -5.26 10.02
N ASP B 16 -0.41 -6.23 10.38
CA ASP B 16 0.20 -7.15 9.44
C ASP B 16 -0.88 -7.96 8.73
N LEU B 17 -2.07 -7.95 9.30
CA LEU B 17 -3.20 -8.69 8.74
C LEU B 17 -3.60 -8.11 7.38
N TYR B 18 -3.70 -6.79 7.27
CA TYR B 18 -4.08 -6.17 6.00
C TYR B 18 -2.85 -5.91 5.11
N VAL B 19 -2.75 -6.66 4.01
CA VAL B 19 -1.62 -6.49 3.12
C VAL B 19 -1.58 -5.09 2.51
N ASN B 20 -2.73 -4.47 2.36
CA ASN B 20 -2.78 -3.13 1.78
C ASN B 20 -2.86 -2.04 2.86
N GLY B 21 -3.40 -0.89 2.50
CA GLY B 21 -3.50 0.17 3.50
C GLY B 21 -2.28 1.05 3.67
N PHE B 22 -2.43 2.08 4.50
CA PHE B 22 -1.37 3.03 4.77
C PHE B 22 -1.28 3.40 6.26
N GLN B 23 -0.16 3.03 6.89
CA GLN B 23 0.03 3.33 8.31
C GLN B 23 -1.11 2.79 9.16
N GLU B 25 -3.98 0.79 7.85
CA GLU B 25 -5.21 1.57 7.83
C GLU B 25 -5.64 2.00 6.43
N ILE B 26 -6.95 2.13 6.24
CA ILE B 26 -7.52 2.51 4.94
C ILE B 26 -6.75 3.59 4.21
N GLN B 27 -6.57 3.37 2.91
CA GLN B 27 -5.88 4.32 2.04
C GLN B 27 -6.92 5.22 1.39
N TYR B 28 -8.05 4.62 1.01
CA TYR B 28 -9.11 5.36 0.35
C TYR B 28 -10.41 5.29 1.16
N GLN B 29 -10.92 6.45 1.56
CA GLN B 29 -12.14 6.50 2.34
C GLN B 29 -13.32 6.09 1.47
N ASN B 30 -13.13 6.16 0.16
CA ASN B 30 -14.15 5.80 -0.81
C ASN B 30 -13.50 5.22 -2.07
N PRO B 31 -12.95 4.00 -1.95
CA PRO B 31 -12.27 3.28 -3.04
C PRO B 31 -13.04 3.23 -4.34
N THR B 32 -12.35 3.53 -5.44
CA THR B 32 -12.97 3.46 -6.77
C THR B 32 -12.54 2.16 -7.43
N PRO B 33 -13.15 1.81 -8.57
CA PRO B 33 -12.77 0.56 -9.25
C PRO B 33 -11.27 0.55 -9.50
N GLU B 34 -10.72 1.73 -9.79
CA GLU B 34 -9.29 1.87 -10.05
C GLU B 34 -8.48 1.59 -8.78
N ASN B 35 -8.89 2.17 -7.66
CA ASN B 35 -8.18 1.97 -6.40
C ASN B 35 -8.21 0.49 -5.98
N LEU B 36 -9.38 -0.14 -6.12
CA LEU B 36 -9.59 -1.54 -5.77
C LEU B 36 -8.67 -2.44 -6.59
N GLN B 37 -8.67 -2.21 -7.89
CA GLN B 37 -7.85 -3.00 -8.80
C GLN B 37 -6.36 -2.84 -8.47
N HIS B 38 -5.97 -1.62 -8.08
CA HIS B 38 -4.59 -1.26 -7.73
C HIS B 38 -4.14 -2.04 -6.48
N MET B 39 -4.94 -2.00 -5.44
CA MET B 39 -4.62 -2.73 -4.21
C MET B 39 -4.53 -4.23 -4.53
N PHE B 40 -5.46 -4.73 -5.36
CA PHE B 40 -5.44 -6.16 -5.71
C PHE B 40 -4.08 -6.53 -6.28
N HIS B 41 -3.70 -5.81 -7.33
CA HIS B 41 -2.43 -6.08 -7.99
C HIS B 41 -1.22 -5.81 -7.10
N GLN B 42 -1.27 -4.76 -6.30
CA GLN B 42 -0.13 -4.43 -5.41
C GLN B 42 0.03 -5.55 -4.39
N GLY B 43 -1.09 -6.03 -3.87
CA GLY B 43 -1.06 -7.10 -2.89
C GLY B 43 -0.36 -8.34 -3.40
N ILE B 44 -0.60 -8.68 -4.67
CA ILE B 44 0.03 -9.87 -5.25
C ILE B 44 1.54 -9.74 -5.35
N GLU B 45 1.97 -8.54 -5.70
CA GLU B 45 3.39 -8.23 -5.83
C GLU B 45 4.04 -8.33 -4.45
N ILE B 46 3.40 -7.73 -3.46
CA ILE B 46 3.96 -7.77 -2.12
C ILE B 46 4.08 -9.19 -1.58
N LEU B 47 3.04 -10.01 -1.75
CA LEU B 47 3.06 -11.39 -1.27
C LEU B 47 4.12 -12.23 -1.95
N ASP B 48 4.21 -12.09 -3.26
CA ASP B 48 5.20 -12.83 -4.03
C ASP B 48 6.64 -12.39 -3.74
N SER B 49 6.81 -11.16 -3.24
CA SER B 49 8.16 -10.67 -2.95
C SER B 49 8.68 -11.31 -1.67
N ALA B 50 7.77 -11.91 -0.90
CA ALA B 50 8.15 -12.57 0.34
C ALA B 50 8.94 -13.83 0.03
N ARG B 51 9.63 -14.34 1.04
CA ARG B 51 10.44 -15.56 0.94
C ARG B 51 9.63 -16.82 0.62
N MET B 52 8.49 -16.97 1.29
CA MET B 52 7.63 -18.14 1.14
C MET B 52 7.36 -18.61 -0.28
N ILE B 53 6.83 -19.83 -0.41
CA ILE B 53 6.54 -20.41 -1.71
C ILE B 53 5.03 -20.51 -1.95
N ASN B 54 4.63 -20.17 -3.18
CA ASN B 54 3.23 -20.21 -3.54
C ASN B 54 2.82 -21.62 -3.90
N VAL B 55 1.93 -22.22 -3.09
CA VAL B 55 1.49 -23.59 -3.34
C VAL B 55 0.02 -23.65 -3.74
N THR B 56 -0.55 -22.48 -4.02
CA THR B 56 -1.95 -22.37 -4.38
C THR B 56 -2.40 -23.41 -5.40
N HIS B 57 -1.78 -23.38 -6.58
CA HIS B 57 -2.15 -24.30 -7.66
C HIS B 57 -1.69 -25.75 -7.54
N LEU B 58 -1.17 -26.13 -6.37
CA LEU B 58 -0.75 -27.52 -6.18
C LEU B 58 -1.90 -28.35 -5.58
N ALA B 59 -2.84 -27.67 -4.92
CA ALA B 59 -4.00 -28.33 -4.32
C ALA B 59 -5.15 -28.49 -5.29
N LEU B 60 -6.12 -29.34 -4.94
CA LEU B 60 -7.30 -29.52 -5.76
C LEU B 60 -8.38 -28.66 -5.09
N TRP B 61 -9.05 -27.80 -5.87
CA TRP B 61 -10.09 -26.89 -5.35
C TRP B 61 -11.47 -27.33 -5.81
N LYS B 62 -12.34 -27.59 -4.84
CA LYS B 62 -13.69 -28.04 -5.15
C LYS B 62 -14.74 -27.15 -4.54
N PRO B 63 -15.48 -26.40 -5.38
CA PRO B 63 -16.53 -25.50 -4.89
C PRO B 63 -17.83 -26.28 -4.68
N SER B 64 -18.60 -25.88 -3.67
CA SER B 64 -19.88 -26.53 -3.42
C SER B 64 -20.69 -26.37 -4.71
N SER B 65 -20.55 -25.20 -5.34
CA SER B 65 -21.25 -24.93 -6.58
C SER B 65 -20.59 -23.76 -7.30
N PHE B 66 -21.00 -23.51 -8.53
CA PHE B 66 -20.44 -22.39 -9.27
C PHE B 66 -21.32 -22.10 -10.45
N LYS B 67 -21.40 -20.82 -10.78
CA LYS B 67 -22.16 -20.39 -11.93
C LYS B 67 -21.29 -20.63 -13.15
N LEU B 68 -21.89 -21.18 -14.21
CA LEU B 68 -21.20 -21.48 -15.46
C LEU B 68 -20.58 -20.19 -15.94
N GLY B 69 -19.27 -20.22 -16.23
CA GLY B 69 -18.63 -18.99 -16.66
C GLY B 69 -17.92 -18.27 -15.52
N ASN B 70 -18.08 -18.78 -14.30
CA ASN B 70 -17.42 -18.21 -13.09
C ASN B 70 -16.96 -19.35 -12.23
N PRO B 71 -16.01 -20.16 -12.75
CA PRO B 71 -15.43 -21.32 -12.09
C PRO B 71 -14.55 -20.89 -10.96
N VAL B 72 -14.16 -21.86 -10.16
CA VAL B 72 -13.30 -21.63 -9.02
C VAL B 72 -11.91 -21.14 -9.44
N ASP B 73 -11.51 -21.38 -10.69
CA ASP B 73 -10.19 -20.95 -11.17
C ASP B 73 -10.06 -19.44 -11.19
N PHE B 74 -11.20 -18.77 -11.25
CA PHE B 74 -11.26 -17.31 -11.31
C PHE B 74 -10.91 -16.67 -9.97
N ALA B 75 -10.78 -17.47 -8.92
CA ALA B 75 -10.40 -16.98 -7.60
C ALA B 75 -8.92 -17.29 -7.40
N LEU B 76 -8.37 -18.10 -8.30
CA LEU B 76 -6.98 -18.54 -8.19
C LEU B 76 -6.06 -17.87 -9.20
N ASP B 77 -6.63 -17.11 -10.13
CA ASP B 77 -5.79 -16.45 -11.12
C ASP B 77 -5.22 -15.16 -10.52
N ASP B 78 -4.67 -14.28 -11.33
CA ASP B 78 -4.13 -13.05 -10.77
C ASP B 78 -4.89 -11.90 -11.36
N ASN B 79 -6.18 -12.09 -11.57
CA ASN B 79 -6.99 -11.05 -12.16
C ASN B 79 -8.04 -10.50 -11.19
N TYR B 80 -8.04 -9.18 -11.02
CA TYR B 80 -9.00 -8.52 -10.13
C TYR B 80 -10.44 -8.61 -10.69
N ASP B 81 -10.55 -8.55 -12.01
CA ASP B 81 -11.83 -8.57 -12.71
C ASP B 81 -12.54 -9.91 -12.77
N THR B 82 -11.86 -11.00 -12.44
CA THR B 82 -12.52 -12.30 -12.48
C THR B 82 -12.79 -12.82 -11.07
N PHE B 83 -13.83 -13.64 -10.96
CA PHE B 83 -14.21 -14.25 -9.69
C PHE B 83 -15.03 -15.51 -9.81
N TRP B 84 -14.83 -16.35 -8.81
CA TRP B 84 -15.62 -17.55 -8.70
C TRP B 84 -16.93 -16.97 -8.15
N GLN B 85 -18.05 -17.52 -8.61
CA GLN B 85 -19.36 -17.11 -8.14
C GLN B 85 -20.15 -18.40 -7.88
N SER B 86 -20.56 -18.59 -6.62
CA SER B 86 -21.35 -19.76 -6.24
C SER B 86 -22.70 -19.71 -6.95
N ASP B 87 -23.44 -20.80 -6.88
CA ASP B 87 -24.78 -20.86 -7.50
C ASP B 87 -25.58 -21.93 -6.76
N GLY B 88 -26.03 -21.62 -5.56
CA GLY B 88 -26.80 -22.57 -4.79
C GLY B 88 -27.25 -21.98 -3.47
N GLY B 89 -27.88 -22.79 -2.61
CA GLY B 89 -28.31 -22.27 -1.33
C GLY B 89 -27.10 -22.10 -0.41
N GLN B 90 -27.28 -21.39 0.69
CA GLN B 90 -26.22 -21.21 1.64
C GLN B 90 -26.28 -22.37 2.62
N PRO B 91 -25.15 -22.71 3.25
CA PRO B 91 -23.86 -22.04 3.11
C PRO B 91 -23.12 -22.50 1.85
N HIS B 92 -22.25 -21.65 1.31
CA HIS B 92 -21.46 -22.06 0.15
C HIS B 92 -20.21 -22.66 0.76
N GLN B 93 -19.55 -23.52 0.01
CA GLN B 93 -18.38 -24.21 0.53
C GLN B 93 -17.23 -24.27 -0.46
N LEU B 94 -16.02 -24.27 0.07
CA LEU B 94 -14.84 -24.37 -0.77
C LEU B 94 -13.87 -25.38 -0.13
N ASP B 95 -13.61 -26.47 -0.82
CA ASP B 95 -12.71 -27.51 -0.30
C ASP B 95 -11.34 -27.44 -1.01
N ILE B 96 -10.27 -27.54 -0.22
CA ILE B 96 -8.91 -27.43 -0.74
C ILE B 96 -8.17 -28.68 -0.27
N MET B 97 -7.71 -29.47 -1.21
CA MET B 97 -7.03 -30.72 -0.85
C MET B 97 -5.66 -30.84 -1.48
N PHE B 98 -4.63 -31.01 -0.65
CA PHE B 98 -3.27 -31.15 -1.14
C PHE B 98 -2.95 -32.65 -1.18
N SER B 99 -2.07 -33.04 -2.10
CA SER B 99 -1.68 -34.43 -2.25
C SER B 99 -0.94 -34.94 -1.03
N LYS B 100 -0.46 -34.03 -0.19
CA LYS B 100 0.26 -34.39 1.03
C LYS B 100 0.11 -33.31 2.09
N ARG B 101 0.61 -33.59 3.29
CA ARG B 101 0.50 -32.62 4.35
C ARG B 101 1.31 -31.38 3.95
N MET B 102 0.87 -30.20 4.40
CA MET B 102 1.53 -28.94 4.07
C MET B 102 1.74 -28.08 5.29
N ASP B 103 2.76 -27.23 5.23
CA ASP B 103 3.05 -26.31 6.33
C ASP B 103 2.64 -24.90 5.90
N ILE B 104 1.33 -24.66 5.83
CA ILE B 104 0.82 -23.35 5.41
C ILE B 104 1.22 -22.25 6.38
N CYS B 105 1.97 -21.27 5.88
CA CYS B 105 2.38 -20.16 6.75
C CYS B 105 1.47 -18.97 6.49
N VAL B 106 0.87 -18.91 5.31
CA VAL B 106 -0.02 -17.81 4.99
C VAL B 106 -1.16 -18.16 4.06
N MET B 107 -2.34 -17.70 4.43
CA MET B 107 -3.51 -17.86 3.58
C MET B 107 -3.97 -16.44 3.34
N ALA B 108 -3.91 -16.02 2.09
CA ALA B 108 -4.31 -14.66 1.76
C ALA B 108 -5.62 -14.68 0.99
N ILE B 109 -6.49 -13.75 1.35
CA ILE B 109 -7.79 -13.66 0.74
C ILE B 109 -8.15 -12.23 0.38
N PHE B 110 -8.59 -12.04 -0.85
CA PHE B 110 -8.99 -10.71 -1.28
C PHE B 110 -10.48 -10.46 -1.01
N PHE B 111 -10.77 -9.48 -0.17
CA PHE B 111 -12.14 -9.15 0.17
C PHE B 111 -12.43 -7.73 -0.27
N SER B 112 -13.59 -7.50 -0.88
CA SER B 112 -13.99 -6.14 -1.25
C SER B 112 -15.48 -5.92 -1.21
N MET B 113 -15.93 -5.40 -0.09
CA MET B 113 -17.32 -5.12 0.04
C MET B 113 -17.81 -4.06 -0.93
N ILE B 114 -16.90 -3.22 -1.42
CA ILE B 114 -17.30 -2.18 -2.38
C ILE B 114 -17.50 -2.82 -3.75
N ALA B 115 -16.50 -3.59 -4.19
CA ALA B 115 -16.57 -4.24 -5.47
C ALA B 115 -17.57 -5.39 -5.54
N ASP B 116 -17.69 -6.16 -4.46
CA ASP B 116 -18.59 -7.31 -4.52
C ASP B 116 -20.00 -7.05 -3.99
N GLU B 117 -20.19 -6.02 -3.18
CA GLU B 117 -21.51 -5.66 -2.67
C GLU B 117 -22.26 -6.84 -2.05
N SER B 118 -23.38 -7.30 -2.65
CA SER B 118 -24.10 -8.40 -2.04
C SER B 118 -23.38 -9.74 -2.14
N TYR B 119 -22.40 -9.86 -3.02
CA TYR B 119 -21.65 -11.10 -3.13
C TYR B 119 -20.46 -11.15 -2.13
N ALA B 120 -20.27 -10.09 -1.35
CA ALA B 120 -19.18 -10.06 -0.35
C ALA B 120 -19.61 -10.83 0.88
N PRO B 121 -18.81 -11.83 1.26
CA PRO B 121 -19.21 -12.60 2.44
C PRO B 121 -19.04 -11.76 3.70
N SER B 122 -19.86 -12.00 4.72
CA SER B 122 -19.73 -11.25 5.95
C SER B 122 -19.21 -12.17 7.08
N LEU B 123 -19.31 -13.48 6.90
CA LEU B 123 -18.73 -14.45 7.82
C LEU B 123 -18.07 -15.53 6.97
N VAL B 124 -16.90 -15.98 7.40
CA VAL B 124 -16.18 -17.07 6.73
C VAL B 124 -15.68 -17.97 7.84
N LYS B 125 -15.87 -19.27 7.67
CA LYS B 125 -15.43 -20.24 8.66
C LYS B 125 -14.35 -21.10 8.03
N VAL B 126 -13.21 -21.17 8.70
CA VAL B 126 -12.09 -21.93 8.17
C VAL B 126 -11.87 -23.24 8.92
N TYR B 127 -11.72 -24.33 8.18
CA TYR B 127 -11.50 -25.66 8.75
C TYR B 127 -10.31 -26.28 8.05
N ALA B 128 -9.46 -26.96 8.83
CA ALA B 128 -8.30 -27.66 8.26
C ALA B 128 -8.01 -29.00 8.98
N GLY B 129 -7.43 -29.92 8.23
CA GLY B 129 -7.08 -31.22 8.78
C GLY B 129 -6.53 -32.13 7.70
N HIS B 130 -6.69 -33.43 7.89
CA HIS B 130 -6.21 -34.41 6.93
C HIS B 130 -7.21 -34.63 5.79
N SER B 131 -8.49 -34.61 6.13
CA SER B 131 -9.52 -34.83 5.13
C SER B 131 -10.82 -34.19 5.60
N PRO B 132 -11.86 -34.21 4.74
CA PRO B 132 -13.17 -33.64 5.07
C PRO B 132 -13.74 -34.25 6.35
N SER B 133 -13.66 -35.57 6.44
CA SER B 133 -14.19 -36.30 7.60
C SER B 133 -13.28 -36.16 8.79
N ASP B 134 -12.30 -35.28 8.68
CA ASP B 134 -11.34 -35.09 9.75
C ASP B 134 -11.08 -33.62 10.06
N ALA B 135 -11.41 -32.75 9.12
CA ALA B 135 -11.19 -31.31 9.31
C ALA B 135 -11.73 -30.80 10.65
N ARG B 136 -11.00 -29.86 11.25
CA ARG B 136 -11.42 -29.28 12.51
C ARG B 136 -11.55 -27.76 12.34
N PHE B 137 -12.48 -27.16 13.07
CA PHE B 137 -12.70 -25.73 12.99
C PHE B 137 -11.44 -24.99 13.43
N TYR B 138 -11.03 -24.01 12.63
CA TYR B 138 -9.85 -23.23 12.97
C TYR B 138 -10.17 -21.79 13.33
N LYS B 139 -10.96 -21.11 12.50
CA LYS B 139 -11.27 -19.73 12.85
C LYS B 139 -12.46 -19.15 12.13
N MET B 140 -13.05 -18.12 12.73
CA MET B 140 -14.18 -17.46 12.12
C MET B 140 -13.74 -16.08 11.74
N LEU B 141 -13.92 -15.73 10.47
CA LEU B 141 -13.57 -14.42 9.98
C LEU B 141 -14.86 -13.60 9.91
N GLU B 142 -14.88 -12.48 10.61
CA GLU B 142 -16.04 -11.62 10.56
C GLU B 142 -15.62 -10.50 9.62
N VAL B 143 -16.10 -10.55 8.39
CA VAL B 143 -15.72 -9.54 7.41
C VAL B 143 -16.65 -8.34 7.55
N ARG B 144 -16.33 -7.45 8.47
CA ARG B 144 -17.20 -6.30 8.71
C ARG B 144 -16.99 -5.18 7.73
N ASN B 145 -15.73 -4.82 7.49
CA ASN B 145 -15.46 -3.77 6.52
C ASN B 145 -14.05 -4.02 6.03
N VAL B 146 -13.94 -4.46 4.79
CA VAL B 146 -12.65 -4.76 4.21
C VAL B 146 -12.65 -4.54 2.71
N ASN B 147 -11.56 -3.97 2.21
CA ASN B 147 -11.39 -3.75 0.77
C ASN B 147 -9.88 -3.92 0.54
N GLY B 148 -9.48 -5.12 0.15
CA GLY B 148 -8.07 -5.41 -0.10
C GLY B 148 -7.68 -6.83 0.31
N TRP B 149 -6.38 -7.13 0.23
CA TRP B 149 -5.86 -8.43 0.63
C TRP B 149 -5.65 -8.58 2.14
N VAL B 150 -6.07 -9.72 2.68
CA VAL B 150 -5.83 -10.01 4.09
C VAL B 150 -4.98 -11.27 4.14
N ALA B 151 -3.93 -11.22 4.95
CA ALA B 151 -3.02 -12.34 5.11
C ALA B 151 -3.19 -12.99 6.49
N LEU B 152 -3.57 -14.26 6.51
CA LEU B 152 -3.75 -15.00 7.75
C LEU B 152 -2.39 -15.67 8.00
N ARG B 153 -1.77 -15.35 9.14
CA ARG B 153 -0.45 -15.87 9.46
C ARG B 153 -0.46 -17.04 10.45
N PHE B 154 -1.63 -17.33 11.02
CA PHE B 154 -1.74 -18.41 12.01
C PHE B 154 -0.76 -18.24 13.17
N LEU B 155 -0.55 -17.00 13.60
CA LEU B 155 0.36 -16.73 14.71
C LEU B 155 -0.12 -17.48 15.94
N ASP B 156 -1.37 -17.95 15.87
CA ASP B 156 -1.99 -18.71 16.94
C ASP B 156 -1.31 -20.07 17.04
N ASN B 157 -1.46 -20.74 18.18
CA ASN B 157 -0.86 -22.05 18.38
C ASN B 157 0.62 -21.99 17.97
N ARG B 158 1.42 -21.38 18.84
CA ARG B 158 2.85 -21.25 18.64
C ARG B 158 3.46 -22.63 18.77
N GLU B 159 2.62 -23.60 19.16
CA GLU B 159 3.08 -24.98 19.28
C GLU B 159 3.69 -25.37 17.94
N ASP B 160 2.86 -25.29 16.89
CA ASP B 160 3.32 -25.61 15.53
C ASP B 160 4.10 -24.42 15.02
N ASP B 161 4.32 -23.47 15.93
CA ASP B 161 5.05 -22.25 15.64
C ASP B 161 4.53 -21.49 14.42
N GLN B 162 3.44 -20.76 14.61
CA GLN B 162 2.84 -19.92 13.56
C GLN B 162 2.52 -20.60 12.23
N LEU B 163 2.23 -21.90 12.25
CA LEU B 163 1.93 -22.59 10.99
C LEU B 163 0.63 -23.37 11.04
N LEU B 164 0.07 -23.65 9.86
CA LEU B 164 -1.16 -24.42 9.73
C LEU B 164 -0.83 -25.72 9.00
N LYS B 165 -0.34 -26.70 9.77
CA LYS B 165 0.05 -28.01 9.22
C LYS B 165 -1.20 -28.83 8.89
N CYS B 166 -1.47 -29.02 7.61
CA CYS B 166 -2.67 -29.76 7.24
C CYS B 166 -2.59 -30.17 5.79
N GLN B 167 -3.49 -31.03 5.38
CA GLN B 167 -3.50 -31.46 3.99
C GLN B 167 -4.82 -31.03 3.36
N PHE B 168 -5.77 -30.73 4.21
CA PHE B 168 -7.09 -30.35 3.76
C PHE B 168 -7.57 -29.06 4.40
N ILE B 169 -8.18 -28.19 3.60
CA ILE B 169 -8.71 -26.96 4.16
C ILE B 169 -10.13 -26.79 3.64
N ARG B 170 -11.02 -26.28 4.50
CA ARG B 170 -12.40 -26.06 4.10
C ARG B 170 -12.82 -24.64 4.45
N LEU B 171 -13.48 -23.99 3.52
CA LEU B 171 -13.99 -22.65 3.78
C LEU B 171 -15.49 -22.67 3.61
N LEU B 172 -16.18 -22.20 4.65
CA LEU B 172 -17.65 -22.08 4.65
C LEU B 172 -18.07 -20.63 4.63
N PHE B 173 -19.05 -20.34 3.79
CA PHE B 173 -19.60 -19.00 3.62
C PHE B 173 -21.07 -19.08 3.95
N PRO B 174 -21.43 -18.78 5.21
CA PRO B 174 -22.85 -18.88 5.57
C PRO B 174 -23.72 -17.66 5.35
N VAL B 175 -23.12 -16.49 5.15
CA VAL B 175 -23.93 -15.30 4.97
C VAL B 175 -23.15 -14.19 4.29
N ASN B 176 -23.85 -13.38 3.50
CA ASN B 176 -23.21 -12.28 2.79
C ASN B 176 -23.77 -10.93 3.24
N HIS B 177 -23.07 -9.89 2.81
CA HIS B 177 -23.46 -8.51 3.06
C HIS B 177 -24.67 -8.20 2.18
N GLU B 178 -25.44 -7.19 2.59
CA GLU B 178 -26.55 -6.72 1.77
C GLU B 178 -27.50 -7.79 1.18
N ASN B 179 -27.98 -8.73 1.97
CA ASN B 179 -28.95 -9.70 1.46
C ASN B 179 -28.48 -10.56 0.29
N GLY B 180 -27.17 -10.66 0.09
CA GLY B 180 -26.69 -11.46 -1.03
C GLY B 180 -26.89 -12.95 -0.86
N LYS B 181 -27.37 -13.62 -1.90
CA LYS B 181 -27.56 -15.07 -1.86
C LYS B 181 -26.24 -15.79 -2.18
N ASP B 182 -25.69 -15.52 -3.35
CA ASP B 182 -24.45 -16.13 -3.75
C ASP B 182 -23.22 -15.25 -3.38
N THR B 183 -22.03 -15.86 -3.41
CA THR B 183 -20.79 -15.17 -3.02
C THR B 183 -19.75 -15.06 -4.15
N HIS B 184 -18.83 -14.09 -4.05
CA HIS B 184 -17.76 -13.86 -5.01
C HIS B 184 -16.40 -14.03 -4.33
N LEU B 185 -15.42 -14.50 -5.10
CA LEU B 185 -14.09 -14.64 -4.58
C LEU B 185 -13.18 -14.32 -5.75
N ARG B 186 -12.50 -13.18 -5.69
CA ARG B 186 -11.62 -12.78 -6.79
C ARG B 186 -10.21 -13.29 -6.67
N GLY B 187 -9.81 -13.67 -5.46
CA GLY B 187 -8.45 -14.15 -5.30
C GLY B 187 -8.15 -14.69 -3.92
N ILE B 188 -7.42 -15.80 -3.89
CA ILE B 188 -7.02 -16.41 -2.65
C ILE B 188 -5.72 -17.14 -2.93
N ARG B 189 -4.81 -17.13 -1.97
CA ARG B 189 -3.51 -17.77 -2.18
C ARG B 189 -3.04 -18.45 -0.94
N LEU B 190 -2.30 -19.54 -1.14
CA LEU B 190 -1.75 -20.33 -0.04
C LEU B 190 -0.22 -20.42 -0.17
N TYR B 191 0.49 -20.22 0.94
CA TYR B 191 1.96 -20.25 0.96
C TYR B 191 2.55 -21.16 2.04
N VAL B 192 3.76 -21.68 1.76
CA VAL B 192 4.54 -22.50 2.70
C VAL B 192 5.91 -21.82 2.83
N PRO B 193 6.57 -21.95 4.00
CA PRO B 193 7.88 -21.37 4.31
C PRO B 193 9.02 -21.74 3.39
N SER B 194 10.13 -21.04 3.57
CA SER B 194 11.35 -21.26 2.78
C SER B 194 11.13 -20.89 1.31
N ASN B 195 9.99 -21.09 0.83
BR BR C . 25.23 25.33 -12.71
BR BR D . 6.32 34.71 -8.90
BR BR E . 14.60 22.60 17.43
BR BR F . -17.17 -22.76 -16.36
BR BR G . -1.42 -0.84 -1.81
BR BR H . -2.80 -33.45 8.07
#